data_3V2Y
#
_entry.id   3V2Y
#
_cell.length_a   107.940
_cell.length_b   69.700
_cell.length_c   81.930
_cell.angle_alpha   90.00
_cell.angle_beta   90.00
_cell.angle_gamma   90.00
#
_symmetry.space_group_name_H-M   'P 21 21 2'
#
loop_
_entity.id
_entity.type
_entity.pdbx_description
1 polymer 'Sphingosine 1-phosphate receptor 1, Lysozyme chimera (E.C.3.2.1.17)'
2 non-polymer '{(3R)-3-amino-4-[(3-hexylphenyl)amino]-4-oxobutyl}phosphonic acid'
3 non-polymer 2-acetamido-2-deoxy-beta-D-glucopyranose
4 water water
#
_entity_poly.entity_id   1
_entity_poly.type   'polypeptide(L)'
_entity_poly.pdbx_seq_one_letter_code
;MKTIIALSYIFCLVFAGAPGPTSVPLVKAHRSSVSDYVNYDIIVRHYNYTGKLNISADKENSIKLTSVVFILICCFIILE
NIFVLLTIWKTKKFHRPMYYFIGNLALSDLLAGVAYTANLLLSGATTYKLTPAQWFLREGSMFVALSASVFSLLAIAIER
YITMLKMKLHNGSNNFRLFLLISACWVISLILGGLPIMGWNCISALSSCSTVLPLYHKHYILFCTTVFTLLLLSIVILYC
RIYSLVRTRNIFEMLRIDEGLRLKIYKDTEGYYTIGIGHLLTKSPSLNAAKSELDKAIGRNTNGVITKDEAEKLFNQDVD
AAVRGILRNAKLKPVYDSLDAVRRAALINMVFQMGETGVAGFTNSLRMLQQKRWDEAAVNLAKSRWYNQTPNRAKRVITT
FRTGTWDAYASRSSENVALLKTVIIVLSVFIACWAPLFILLLLDVGCKVKTCDILFRAEYFLVLAVLNSGTNPIIYTLTN
KEMRRAFIRIMGRPLEVLFQGPHHHHHHHHHHDYKDDDDK
;
_entity_poly.pdbx_strand_id   A
#
loop_
_chem_comp.id
_chem_comp.type
_chem_comp.name
_chem_comp.formula
ML5 non-polymer '{(3R)-3-amino-4-[(3-hexylphenyl)amino]-4-oxobutyl}phosphonic acid' 'C16 H27 N2 O4 P'
NAG D-saccharide, beta linking 2-acetamido-2-deoxy-beta-D-glucopyranose 'C8 H15 N O6'
#
# COMPACT_ATOMS: atom_id res chain seq x y z
N VAL A 34 21.03 47.63 1.49
CA VAL A 34 19.81 47.68 0.68
C VAL A 34 20.15 47.37 -0.77
N SER A 35 19.56 46.29 -1.32
CA SER A 35 19.74 45.82 -2.71
C SER A 35 18.67 44.80 -3.05
N ASP A 36 18.71 44.23 -4.30
CA ASP A 36 17.79 43.17 -4.70
C ASP A 36 17.84 42.03 -3.71
N TYR A 37 16.70 41.39 -3.42
CA TYR A 37 16.70 40.26 -2.48
C TYR A 37 17.28 39.02 -3.20
N VAL A 38 18.42 39.27 -3.85
CA VAL A 38 19.29 38.34 -4.56
C VAL A 38 20.74 38.60 -3.98
N ASN A 39 20.82 39.21 -2.78
CA ASN A 39 22.09 39.47 -2.12
C ASN A 39 22.37 38.39 -1.08
N TYR A 40 23.64 37.99 -0.99
CA TYR A 40 24.14 36.92 -0.13
C TYR A 40 24.04 37.27 1.37
N ASP A 41 23.96 38.57 1.70
CA ASP A 41 23.87 39.08 3.07
C ASP A 41 22.62 38.56 3.80
N ILE A 42 21.50 38.37 3.07
CA ILE A 42 20.25 37.85 3.62
C ILE A 42 20.51 36.45 4.25
N ILE A 43 21.14 35.53 3.47
CA ILE A 43 21.49 34.17 3.90
C ILE A 43 22.35 34.22 5.18
N VAL A 44 23.32 35.18 5.25
CA VAL A 44 24.18 35.37 6.42
C VAL A 44 23.32 35.73 7.64
N ARG A 45 22.43 36.75 7.51
CA ARG A 45 21.53 37.20 8.59
C ARG A 45 20.56 36.09 9.04
N HIS A 46 20.11 35.23 8.10
CA HIS A 46 19.16 34.15 8.40
C HIS A 46 19.82 33.00 9.18
N TYR A 47 21.05 32.60 8.78
CA TYR A 47 21.78 31.56 9.50
C TYR A 47 22.37 32.14 10.82
N ASN A 48 22.57 33.48 10.86
CA ASN A 48 23.06 34.20 12.04
C ASN A 48 22.01 34.21 13.15
N TYR A 49 20.75 34.49 12.77
CA TYR A 49 19.62 34.54 13.68
C TYR A 49 19.31 33.15 14.25
N THR A 50 19.36 32.11 13.38
CA THR A 50 19.06 30.73 13.78
C THR A 50 20.23 30.09 14.56
N GLY A 51 21.43 30.69 14.46
CA GLY A 51 22.62 30.20 15.15
C GLY A 51 23.33 29.11 14.39
N LYS A 52 23.74 29.40 13.15
CA LYS A 52 24.43 28.43 12.28
C LYS A 52 25.65 29.06 11.58
N LEU A 53 25.80 30.40 11.65
CA LEU A 53 26.89 31.11 10.99
C LEU A 53 28.25 30.82 11.65
N ASN A 54 28.35 30.95 12.99
CA ASN A 54 29.60 30.73 13.72
C ASN A 54 29.92 29.23 13.86
N ILE A 55 28.88 28.37 13.83
CA ILE A 55 29.06 26.91 13.97
C ILE A 55 29.18 26.25 12.56
N SER A 56 29.37 27.08 11.50
CA SER A 56 29.51 26.59 10.12
C SER A 56 30.93 26.02 9.87
N ALA A 57 31.94 26.54 10.61
CA ALA A 57 33.34 26.11 10.49
C ALA A 57 33.66 24.90 11.41
N ASP A 58 32.60 24.19 11.88
CA ASP A 58 32.74 23.01 12.73
C ASP A 58 32.61 21.73 11.90
N LYS A 59 33.61 20.82 12.01
CA LYS A 59 33.69 19.54 11.28
C LYS A 59 33.60 19.76 9.75
N GLU A 60 34.28 20.82 9.23
CA GLU A 60 34.31 21.15 7.80
C GLU A 60 35.13 20.10 7.03
N ASN A 61 36.18 19.55 7.68
CA ASN A 61 37.04 18.49 7.10
C ASN A 61 36.26 17.18 7.02
N SER A 62 35.38 16.92 8.02
CA SER A 62 34.52 15.75 8.06
C SER A 62 33.32 15.91 7.12
N ILE A 63 32.94 17.18 6.81
CA ILE A 63 31.83 17.50 5.90
C ILE A 63 32.17 17.06 4.47
N LYS A 64 33.45 17.21 4.06
CA LYS A 64 33.93 16.78 2.74
C LYS A 64 33.81 15.26 2.60
N LEU A 65 34.14 14.53 3.68
CA LEU A 65 34.04 13.07 3.73
C LEU A 65 32.58 12.63 3.68
N THR A 66 31.69 13.42 4.31
CA THR A 66 30.26 13.15 4.34
C THR A 66 29.65 13.33 2.93
N SER A 67 29.91 14.49 2.29
CA SER A 67 29.36 14.82 0.97
C SER A 67 29.80 13.80 -0.11
N VAL A 68 31.13 13.62 -0.33
CA VAL A 68 31.69 12.71 -1.36
C VAL A 68 31.09 11.28 -1.24
N VAL A 69 30.89 10.80 0.00
CA VAL A 69 30.30 9.48 0.26
C VAL A 69 28.80 9.48 -0.11
N PHE A 70 28.05 10.52 0.31
CA PHE A 70 26.60 10.62 0.04
C PHE A 70 26.32 10.88 -1.45
N ILE A 71 27.28 11.44 -2.19
CA ILE A 71 27.17 11.64 -3.64
C ILE A 71 27.21 10.28 -4.33
N LEU A 72 28.07 9.36 -3.85
CA LEU A 72 28.17 7.99 -4.38
C LEU A 72 26.87 7.23 -4.13
N ILE A 73 26.30 7.39 -2.91
CA ILE A 73 25.02 6.76 -2.50
C ILE A 73 23.90 7.29 -3.40
N CYS A 74 23.94 8.60 -3.74
CA CYS A 74 22.96 9.25 -4.61
C CYS A 74 23.01 8.64 -6.03
N CYS A 75 24.21 8.57 -6.65
CA CYS A 75 24.40 8.00 -7.99
C CYS A 75 23.86 6.55 -8.04
N PHE A 76 24.01 5.80 -6.92
CA PHE A 76 23.48 4.44 -6.81
C PHE A 76 21.94 4.47 -6.79
N ILE A 77 21.35 5.50 -6.14
CA ILE A 77 19.89 5.68 -6.08
C ILE A 77 19.38 6.06 -7.50
N ILE A 78 20.15 6.88 -8.25
CA ILE A 78 19.80 7.28 -9.63
C ILE A 78 19.65 6.02 -10.52
N LEU A 79 20.66 5.12 -10.49
CA LEU A 79 20.62 3.87 -11.26
C LEU A 79 19.45 3.00 -10.81
N GLU A 80 19.27 2.82 -9.49
CA GLU A 80 18.17 2.04 -8.91
C GLU A 80 16.82 2.41 -9.54
N ASN A 81 16.50 3.71 -9.54
CA ASN A 81 15.24 4.22 -10.07
C ASN A 81 15.22 4.19 -11.61
N ILE A 82 16.40 4.32 -12.27
CA ILE A 82 16.49 4.17 -13.73
C ILE A 82 16.13 2.72 -14.09
N PHE A 83 16.69 1.75 -13.33
CA PHE A 83 16.43 0.32 -13.49
C PHE A 83 14.93 0.00 -13.30
N VAL A 84 14.25 0.69 -12.35
CA VAL A 84 12.81 0.51 -12.12
C VAL A 84 12.04 1.07 -13.34
N LEU A 85 12.47 2.25 -13.83
CA LEU A 85 11.86 2.89 -15.00
C LEU A 85 12.14 2.09 -16.29
N LEU A 86 13.27 1.36 -16.35
CA LEU A 86 13.65 0.57 -17.51
C LEU A 86 12.84 -0.72 -17.61
N THR A 87 12.66 -1.44 -16.47
CA THR A 87 11.92 -2.71 -16.42
C THR A 87 10.47 -2.53 -16.92
N ILE A 88 9.81 -1.45 -16.48
CA ILE A 88 8.42 -1.13 -16.87
C ILE A 88 8.36 -0.77 -18.39
N TRP A 89 9.38 -0.03 -18.86
CA TRP A 89 9.51 0.41 -20.26
C TRP A 89 9.83 -0.78 -21.22
N LYS A 90 10.38 -1.89 -20.67
CA LYS A 90 10.78 -3.05 -21.47
C LYS A 90 9.77 -4.21 -21.36
N THR A 91 9.25 -4.50 -20.15
CA THR A 91 8.30 -5.61 -19.96
C THR A 91 6.90 -5.19 -20.42
N LYS A 92 6.28 -6.01 -21.30
CA LYS A 92 4.93 -5.75 -21.85
C LYS A 92 3.86 -5.94 -20.77
N LYS A 93 4.02 -6.97 -19.91
CA LYS A 93 3.10 -7.27 -18.81
C LYS A 93 3.15 -6.17 -17.72
N PHE A 94 4.19 -5.30 -17.78
CA PHE A 94 4.39 -4.21 -16.84
C PHE A 94 3.85 -2.88 -17.39
N HIS A 95 3.06 -2.94 -18.49
CA HIS A 95 2.43 -1.74 -19.06
C HIS A 95 1.01 -1.56 -18.47
N ARG A 96 0.83 -1.94 -17.18
CA ARG A 96 -0.42 -1.84 -16.44
C ARG A 96 -0.51 -0.48 -15.71
N PRO A 97 -1.74 0.02 -15.38
CA PRO A 97 -1.86 1.33 -14.72
C PRO A 97 -1.02 1.46 -13.42
N MET A 98 -1.01 0.42 -12.55
CA MET A 98 -0.24 0.49 -11.30
C MET A 98 1.25 0.75 -11.55
N TYR A 99 1.85 0.01 -12.51
CA TYR A 99 3.27 0.15 -12.83
C TYR A 99 3.61 1.55 -13.35
N TYR A 100 2.65 2.22 -14.03
CA TYR A 100 2.87 3.59 -14.50
C TYR A 100 3.04 4.54 -13.31
N PHE A 101 2.30 4.30 -12.20
CA PHE A 101 2.42 5.10 -10.99
C PHE A 101 3.69 4.73 -10.22
N ILE A 102 4.13 3.45 -10.33
CA ILE A 102 5.38 2.97 -9.71
C ILE A 102 6.56 3.65 -10.42
N GLY A 103 6.46 3.78 -11.74
CA GLY A 103 7.45 4.48 -12.57
C GLY A 103 7.49 5.96 -12.25
N ASN A 104 6.29 6.57 -12.04
CA ASN A 104 6.18 7.97 -11.66
C ASN A 104 6.76 8.20 -10.27
N LEU A 105 6.61 7.20 -9.36
CA LEU A 105 7.21 7.22 -8.03
C LEU A 105 8.71 7.08 -8.13
N ALA A 106 9.19 6.21 -9.07
CA ALA A 106 10.60 6.02 -9.34
C ALA A 106 11.21 7.31 -9.90
N LEU A 107 10.40 8.11 -10.61
CA LEU A 107 10.85 9.39 -11.15
C LEU A 107 11.01 10.41 -10.01
N SER A 108 10.08 10.40 -9.03
CA SER A 108 10.14 11.28 -7.86
C SER A 108 11.41 11.01 -7.07
N ASP A 109 11.73 9.72 -6.84
CA ASP A 109 12.92 9.31 -6.12
C ASP A 109 14.19 9.47 -6.96
N LEU A 110 14.05 9.50 -8.31
CA LEU A 110 15.18 9.70 -9.21
C LEU A 110 15.61 11.15 -9.14
N LEU A 111 14.65 12.07 -9.33
CA LEU A 111 14.94 13.51 -9.30
C LEU A 111 15.28 13.96 -7.87
N ALA A 112 14.84 13.17 -6.85
CA ALA A 112 15.18 13.42 -5.44
C ALA A 112 16.68 13.26 -5.24
N GLY A 113 17.24 12.17 -5.79
CA GLY A 113 18.66 11.88 -5.73
C GLY A 113 19.49 12.91 -6.48
N VAL A 114 18.96 13.42 -7.63
CA VAL A 114 19.61 14.47 -8.42
C VAL A 114 19.61 15.76 -7.61
N ALA A 115 18.46 16.10 -7.00
CA ALA A 115 18.30 17.30 -6.20
C ALA A 115 19.20 17.27 -4.96
N TYR A 116 19.37 16.08 -4.34
CA TYR A 116 20.22 15.98 -3.16
C TYR A 116 21.70 15.96 -3.54
N THR A 117 22.04 15.47 -4.76
CA THR A 117 23.43 15.53 -5.24
C THR A 117 23.80 17.00 -5.43
N ALA A 118 22.87 17.78 -6.02
CA ALA A 118 23.02 19.21 -6.22
C ALA A 118 22.95 19.95 -4.88
N ASN A 119 22.20 19.39 -3.89
CA ASN A 119 22.11 19.97 -2.54
C ASN A 119 23.47 19.88 -1.84
N LEU A 120 24.04 18.65 -1.74
CA LEU A 120 25.35 18.40 -1.10
C LEU A 120 26.43 19.32 -1.69
N LEU A 121 26.40 19.53 -3.02
CA LEU A 121 27.35 20.39 -3.71
C LEU A 121 27.12 21.88 -3.38
N LEU A 122 25.83 22.29 -3.20
CA LEU A 122 25.49 23.68 -2.89
C LEU A 122 25.17 23.87 -1.38
N SER A 123 25.56 22.89 -0.54
CA SER A 123 25.37 22.98 0.91
C SER A 123 26.72 23.12 1.62
N GLY A 124 26.69 23.38 2.93
CA GLY A 124 27.89 23.53 3.74
C GLY A 124 28.49 24.91 3.64
N ALA A 125 29.75 25.01 3.17
CA ALA A 125 30.45 26.28 3.01
C ALA A 125 29.91 27.09 1.83
N THR A 126 29.43 26.39 0.77
CA THR A 126 28.89 27.00 -0.45
C THR A 126 27.49 27.64 -0.19
N THR A 127 26.85 27.30 0.96
CA THR A 127 25.52 27.82 1.34
C THR A 127 25.50 29.36 1.31
N TYR A 128 26.57 29.98 1.82
CA TYR A 128 26.71 31.44 1.88
C TYR A 128 27.07 32.02 0.50
N LYS A 129 27.62 31.18 -0.41
CA LYS A 129 27.97 31.61 -1.76
C LYS A 129 26.73 31.55 -2.69
N LEU A 130 25.55 31.22 -2.14
CA LEU A 130 24.30 31.20 -2.90
C LEU A 130 23.50 32.48 -2.68
N THR A 131 22.68 32.85 -3.66
CA THR A 131 21.75 33.96 -3.53
C THR A 131 20.46 33.41 -2.93
N PRO A 132 19.58 34.24 -2.30
CA PRO A 132 18.32 33.68 -1.75
C PRO A 132 17.51 32.90 -2.80
N ALA A 133 17.48 33.39 -4.07
CA ALA A 133 16.80 32.70 -5.17
C ALA A 133 17.42 31.31 -5.41
N GLN A 134 18.78 31.26 -5.44
CA GLN A 134 19.54 30.02 -5.61
C GLN A 134 19.35 29.09 -4.39
N TRP A 135 18.89 29.66 -3.27
CA TRP A 135 18.64 28.91 -2.05
C TRP A 135 17.20 28.37 -2.05
N PHE A 136 16.21 29.25 -2.37
CA PHE A 136 14.81 28.87 -2.43
C PHE A 136 14.56 27.81 -3.50
N LEU A 137 15.46 27.77 -4.52
CA LEU A 137 15.42 26.77 -5.58
C LEU A 137 16.10 25.48 -5.08
N ARG A 138 17.17 25.64 -4.26
CA ARG A 138 17.94 24.50 -3.74
C ARG A 138 17.07 23.61 -2.85
N GLU A 139 16.49 24.18 -1.77
CA GLU A 139 15.66 23.41 -0.85
C GLU A 139 14.26 23.19 -1.42
N GLY A 140 13.85 24.04 -2.37
CA GLY A 140 12.58 23.91 -3.07
C GLY A 140 12.48 22.64 -3.88
N SER A 141 13.63 22.21 -4.47
CA SER A 141 13.75 20.98 -5.25
C SER A 141 13.46 19.74 -4.40
N MET A 142 13.89 19.76 -3.13
CA MET A 142 13.66 18.67 -2.18
C MET A 142 12.17 18.53 -1.84
N PHE A 143 11.45 19.67 -1.74
CA PHE A 143 10.01 19.70 -1.45
C PHE A 143 9.21 19.16 -2.62
N VAL A 144 9.54 19.60 -3.85
CA VAL A 144 8.87 19.15 -5.09
C VAL A 144 8.96 17.61 -5.19
N ALA A 145 10.18 17.05 -4.98
CA ALA A 145 10.45 15.62 -5.01
C ALA A 145 9.66 14.89 -3.92
N LEU A 146 9.50 15.51 -2.73
CA LEU A 146 8.71 14.93 -1.64
C LEU A 146 7.22 14.91 -2.00
N SER A 147 6.66 16.09 -2.38
CA SER A 147 5.25 16.23 -2.76
C SER A 147 4.86 15.20 -3.83
N ALA A 148 5.74 15.03 -4.85
CA ALA A 148 5.53 14.09 -5.94
C ALA A 148 5.43 12.65 -5.44
N SER A 149 6.33 12.26 -4.51
CA SER A 149 6.33 10.91 -3.92
C SER A 149 5.03 10.64 -3.16
N VAL A 150 4.55 11.62 -2.38
CA VAL A 150 3.30 11.51 -1.60
C VAL A 150 2.11 11.25 -2.54
N PHE A 151 1.94 12.08 -3.58
CA PHE A 151 0.85 11.93 -4.52
C PHE A 151 0.99 10.65 -5.36
N SER A 152 2.23 10.26 -5.62
CA SER A 152 2.48 9.06 -6.38
C SER A 152 2.02 7.87 -5.56
N LEU A 153 2.30 7.90 -4.26
CA LEU A 153 1.91 6.81 -3.39
C LEU A 153 0.41 6.72 -3.35
N LEU A 154 -0.24 7.86 -3.32
CA LEU A 154 -1.69 7.91 -3.28
C LEU A 154 -2.23 7.31 -4.56
N ALA A 155 -1.62 7.68 -5.66
CA ALA A 155 -2.03 7.17 -6.97
C ALA A 155 -2.01 5.63 -7.02
N ILE A 156 -1.07 5.00 -6.29
CA ILE A 156 -0.99 3.53 -6.22
C ILE A 156 -2.06 3.01 -5.25
N ALA A 157 -2.28 3.75 -4.13
CA ALA A 157 -3.27 3.39 -3.10
C ALA A 157 -4.68 3.26 -3.68
N ILE A 158 -5.17 4.32 -4.37
CA ILE A 158 -6.52 4.34 -4.97
C ILE A 158 -6.62 3.24 -6.06
N GLU A 159 -5.56 3.06 -6.87
CA GLU A 159 -5.49 2.06 -7.93
C GLU A 159 -5.85 0.65 -7.40
N ARG A 160 -5.34 0.30 -6.19
CA ARG A 160 -5.59 -1.00 -5.57
C ARG A 160 -7.07 -1.17 -5.16
N TYR A 161 -7.75 -0.06 -4.83
CA TYR A 161 -9.16 -0.09 -4.45
C TYR A 161 -10.06 -0.28 -5.69
N ILE A 162 -9.56 0.09 -6.88
CA ILE A 162 -10.31 0.00 -8.14
C ILE A 162 -10.17 -1.41 -8.78
N THR A 163 -9.06 -2.13 -8.48
CA THR A 163 -8.79 -3.47 -9.05
C THR A 163 -9.86 -4.49 -8.65
N MET A 164 -10.33 -4.46 -7.38
CA MET A 164 -11.34 -5.40 -6.88
C MET A 164 -12.73 -5.11 -7.49
N LEU A 165 -13.13 -3.83 -7.61
CA LEU A 165 -14.44 -3.44 -8.14
C LEU A 165 -14.29 -2.46 -9.31
N LYS A 166 -14.59 -2.94 -10.53
CA LYS A 166 -14.52 -2.13 -11.75
C LYS A 166 -15.92 -1.75 -12.23
N ASN A 174 -8.86 4.06 -21.14
CA ASN A 174 -8.62 4.87 -19.96
C ASN A 174 -7.10 5.02 -19.70
N ASN A 175 -6.31 5.20 -20.79
CA ASN A 175 -4.86 5.38 -20.70
C ASN A 175 -4.49 6.86 -20.74
N PHE A 176 -5.31 7.69 -21.42
CA PHE A 176 -5.08 9.13 -21.54
C PHE A 176 -5.33 9.83 -20.20
N ARG A 177 -6.30 9.33 -19.40
CA ARG A 177 -6.62 9.90 -18.09
C ARG A 177 -5.45 9.65 -17.10
N LEU A 178 -4.64 8.59 -17.34
CA LEU A 178 -3.50 8.22 -16.49
C LEU A 178 -2.37 9.25 -16.60
N PHE A 179 -2.02 9.67 -17.84
CA PHE A 179 -0.95 10.65 -18.06
C PHE A 179 -1.37 12.05 -17.62
N LEU A 180 -2.70 12.33 -17.57
CA LEU A 180 -3.21 13.60 -17.05
C LEU A 180 -2.98 13.67 -15.55
N LEU A 181 -3.21 12.55 -14.84
CA LEU A 181 -3.01 12.43 -13.40
C LEU A 181 -1.54 12.57 -13.03
N ILE A 182 -0.64 11.93 -13.82
CA ILE A 182 0.81 12.02 -13.61
C ILE A 182 1.27 13.47 -13.84
N SER A 183 0.71 14.15 -14.87
CA SER A 183 1.02 15.56 -15.14
C SER A 183 0.49 16.45 -14.02
N ALA A 184 -0.77 16.23 -13.58
CA ALA A 184 -1.39 16.97 -12.48
C ALA A 184 -0.61 16.76 -11.19
N CYS A 185 -0.10 15.52 -10.97
CA CYS A 185 0.69 15.13 -9.79
C CYS A 185 1.96 16.00 -9.68
N TRP A 186 2.62 16.26 -10.83
CA TRP A 186 3.82 17.10 -10.88
C TRP A 186 3.48 18.59 -10.81
N VAL A 187 2.35 19.02 -11.45
CA VAL A 187 1.92 20.43 -11.45
C VAL A 187 1.63 20.90 -10.01
N ILE A 188 0.84 20.10 -9.24
CA ILE A 188 0.51 20.41 -7.85
C ILE A 188 1.80 20.41 -7.00
N SER A 189 2.75 19.50 -7.32
CA SER A 189 4.04 19.43 -6.62
C SER A 189 4.88 20.66 -6.87
N LEU A 190 4.86 21.20 -8.13
CA LEU A 190 5.63 22.40 -8.49
C LEU A 190 5.04 23.66 -7.83
N ILE A 191 3.73 23.65 -7.56
CA ILE A 191 3.06 24.76 -6.88
C ILE A 191 3.31 24.65 -5.36
N LEU A 192 2.94 23.49 -4.75
CA LEU A 192 3.11 23.23 -3.31
C LEU A 192 4.60 23.14 -2.89
N GLY A 193 5.50 23.08 -3.88
CA GLY A 193 6.92 22.99 -3.63
C GLY A 193 7.64 24.32 -3.78
N GLY A 194 7.22 25.10 -4.77
CA GLY A 194 7.87 26.38 -5.09
C GLY A 194 7.09 27.65 -4.77
N LEU A 195 6.00 27.55 -3.97
CA LEU A 195 5.24 28.75 -3.61
C LEU A 195 6.02 29.64 -2.57
N PRO A 196 6.97 29.10 -1.74
CA PRO A 196 7.75 30.00 -0.85
C PRO A 196 8.63 30.97 -1.65
N ILE A 197 9.06 30.56 -2.87
CA ILE A 197 9.85 31.41 -3.79
C ILE A 197 9.02 32.63 -4.18
N MET A 198 7.77 32.41 -4.59
CA MET A 198 6.88 33.46 -5.06
C MET A 198 6.02 34.05 -3.91
N GLY A 199 6.63 34.32 -2.75
CA GLY A 199 5.95 35.02 -1.67
C GLY A 199 6.05 34.51 -0.25
N TRP A 200 5.69 33.22 -0.03
CA TRP A 200 5.57 32.67 1.33
C TRP A 200 6.96 32.29 1.93
N ASN A 201 7.79 33.31 2.22
CA ASN A 201 9.10 33.16 2.87
C ASN A 201 9.15 34.04 4.15
N CYS A 202 10.35 34.19 4.78
CA CYS A 202 10.45 34.94 6.03
C CYS A 202 11.64 35.95 6.02
N ILE A 203 12.07 36.40 4.81
CA ILE A 203 13.24 37.27 4.60
C ILE A 203 13.28 38.48 5.62
N SER A 204 12.15 39.22 5.77
CA SER A 204 12.12 40.36 6.69
C SER A 204 11.34 40.04 7.99
N ALA A 205 10.95 38.77 8.17
CA ALA A 205 10.27 38.32 9.37
C ALA A 205 11.05 37.17 10.01
N LEU A 206 12.18 37.52 10.67
CA LEU A 206 13.07 36.54 11.30
C LEU A 206 12.38 35.77 12.43
N SER A 207 11.41 36.43 13.13
CA SER A 207 10.62 35.85 14.22
C SER A 207 9.80 34.64 13.74
N SER A 208 9.59 34.52 12.41
CA SER A 208 8.84 33.42 11.80
C SER A 208 9.75 32.49 10.96
N CYS A 209 11.08 32.56 11.17
CA CYS A 209 12.02 31.72 10.41
C CYS A 209 12.33 30.43 11.18
N SER A 210 12.16 29.26 10.50
CA SER A 210 12.49 27.95 11.09
C SER A 210 14.00 27.80 11.12
N THR A 211 14.54 27.16 12.18
CA THR A 211 15.98 27.07 12.34
C THR A 211 16.60 25.96 11.43
N VAL A 212 15.88 24.83 11.20
CA VAL A 212 16.41 23.73 10.37
C VAL A 212 16.44 24.17 8.86
N LEU A 213 15.54 25.11 8.46
CA LEU A 213 15.49 25.71 7.13
C LEU A 213 15.35 27.25 7.30
N PRO A 214 16.51 27.96 7.44
CA PRO A 214 16.47 29.38 7.84
C PRO A 214 15.61 30.32 6.98
N LEU A 215 15.56 30.14 5.65
CA LEU A 215 14.81 31.08 4.81
C LEU A 215 13.32 30.66 4.64
N TYR A 216 12.92 29.53 5.23
CA TYR A 216 11.53 29.07 5.16
C TYR A 216 10.70 29.64 6.31
N HIS A 217 9.46 30.06 6.00
CA HIS A 217 8.52 30.58 7.00
C HIS A 217 7.97 29.42 7.82
N LYS A 218 8.02 29.53 9.16
CA LYS A 218 7.58 28.48 10.10
C LYS A 218 6.19 27.93 9.74
N HIS A 219 5.24 28.81 9.37
CA HIS A 219 3.87 28.43 9.02
C HIS A 219 3.81 27.53 7.79
N TYR A 220 4.66 27.81 6.77
CA TYR A 220 4.72 27.02 5.55
C TYR A 220 5.15 25.57 5.84
N ILE A 221 6.15 25.38 6.73
CA ILE A 221 6.62 24.05 7.11
C ILE A 221 5.47 23.29 7.80
N LEU A 222 4.76 23.97 8.74
CA LEU A 222 3.59 23.41 9.45
C LEU A 222 2.50 23.01 8.44
N PHE A 223 2.30 23.84 7.38
CA PHE A 223 1.33 23.60 6.31
C PHE A 223 1.70 22.37 5.51
N CYS A 224 2.99 22.22 5.15
CA CYS A 224 3.47 21.06 4.40
C CYS A 224 3.38 19.80 5.25
N THR A 225 3.87 19.88 6.50
CA THR A 225 3.86 18.76 7.44
C THR A 225 2.43 18.26 7.68
N THR A 226 1.45 19.17 7.86
CA THR A 226 0.07 18.76 8.14
C THR A 226 -0.61 18.20 6.87
N VAL A 227 -0.37 18.82 5.69
CA VAL A 227 -0.95 18.35 4.42
C VAL A 227 -0.43 16.92 4.09
N PHE A 228 0.88 16.68 4.31
CA PHE A 228 1.49 15.40 3.98
C PHE A 228 1.15 14.31 5.03
N THR A 229 1.01 14.67 6.34
CA THR A 229 0.57 13.68 7.34
C THR A 229 -0.91 13.35 7.13
N LEU A 230 -1.72 14.35 6.69
CA LEU A 230 -3.13 14.12 6.38
C LEU A 230 -3.28 13.22 5.17
N LEU A 231 -2.40 13.40 4.14
CA LEU A 231 -2.43 12.57 2.93
C LEU A 231 -1.91 11.17 3.25
N LEU A 232 -0.84 11.05 4.06
CA LEU A 232 -0.29 9.74 4.48
C LEU A 232 -1.28 9.00 5.38
N LEU A 233 -2.09 9.75 6.17
CA LEU A 233 -3.11 9.17 7.03
C LEU A 233 -4.25 8.61 6.16
N SER A 234 -4.54 9.27 5.03
CA SER A 234 -5.57 8.82 4.10
C SER A 234 -5.19 7.48 3.47
N ILE A 235 -3.88 7.25 3.23
CA ILE A 235 -3.39 6.01 2.63
C ILE A 235 -3.57 4.84 3.61
N VAL A 236 -3.14 5.02 4.87
CA VAL A 236 -3.19 3.98 5.91
C VAL A 236 -4.64 3.50 6.14
N ILE A 237 -5.60 4.45 6.27
CA ILE A 237 -7.01 4.10 6.49
C ILE A 237 -7.58 3.39 5.24
N LEU A 238 -7.14 3.81 4.03
CA LEU A 238 -7.58 3.22 2.77
C LEU A 238 -7.06 1.77 2.63
N TYR A 239 -5.80 1.50 3.02
CA TYR A 239 -5.22 0.16 2.90
C TYR A 239 -5.84 -0.82 3.91
N CYS A 240 -6.26 -0.32 5.09
CA CYS A 240 -6.96 -1.13 6.09
C CYS A 240 -8.34 -1.52 5.55
N ARG A 241 -8.96 -0.61 4.77
CA ARG A 241 -10.25 -0.86 4.14
C ARG A 241 -10.08 -1.83 2.96
N ILE A 242 -9.02 -1.64 2.14
CA ILE A 242 -8.72 -2.48 0.96
C ILE A 242 -8.45 -3.94 1.39
N TYR A 243 -7.57 -4.15 2.38
CA TYR A 243 -7.21 -5.50 2.87
C TYR A 243 -8.43 -6.22 3.49
N SER A 244 -9.36 -5.48 4.12
CA SER A 244 -10.54 -6.06 4.77
C SER A 244 -11.64 -6.39 3.74
N LEU A 245 -11.87 -5.49 2.77
CA LEU A 245 -12.90 -5.69 1.74
C LEU A 245 -12.51 -6.82 0.79
N VAL A 246 -11.20 -6.90 0.42
CA VAL A 246 -10.69 -7.96 -0.45
C VAL A 246 -10.82 -9.32 0.28
N ARG A 247 -10.61 -9.33 1.62
CA ARG A 247 -10.74 -10.53 2.45
C ARG A 247 -12.18 -11.07 2.40
N THR A 248 -13.17 -10.16 2.35
CA THR A 248 -14.60 -10.50 2.26
C THR A 248 -14.98 -10.82 0.79
N ARG A 249 -14.30 -10.17 -0.18
CA ARG A 249 -14.55 -10.41 -1.60
C ARG A 249 -13.98 -11.75 -2.05
N ASN A 250 -12.86 -12.19 -1.44
CA ASN A 250 -12.22 -13.46 -1.77
C ASN A 250 -13.06 -14.65 -1.32
N ILE A 251 -13.69 -14.56 -0.13
CA ILE A 251 -14.56 -15.63 0.38
C ILE A 251 -15.87 -15.65 -0.44
N PHE A 252 -16.32 -14.47 -0.94
CA PHE A 252 -17.53 -14.38 -1.76
C PHE A 252 -17.31 -15.02 -3.14
N GLU A 253 -16.24 -14.60 -3.84
CA GLU A 253 -15.93 -15.11 -5.20
C GLU A 253 -15.60 -16.61 -5.17
N MET A 254 -15.02 -17.11 -4.04
CA MET A 254 -14.69 -18.52 -3.87
C MET A 254 -15.96 -19.39 -3.91
N LEU A 255 -17.01 -18.93 -3.20
CA LEU A 255 -18.29 -19.63 -3.12
C LEU A 255 -19.24 -19.20 -4.26
N ARG A 256 -18.82 -18.22 -5.08
CA ARG A 256 -19.58 -17.79 -6.28
C ARG A 256 -19.37 -18.80 -7.41
N ILE A 257 -18.39 -19.71 -7.26
CA ILE A 257 -18.05 -20.73 -8.24
C ILE A 257 -18.47 -22.13 -7.73
N ASP A 258 -18.17 -22.42 -6.45
CA ASP A 258 -18.43 -23.72 -5.82
C ASP A 258 -19.93 -23.98 -5.64
N GLU A 259 -20.71 -22.95 -5.27
CA GLU A 259 -22.16 -23.13 -5.05
C GLU A 259 -22.97 -22.17 -5.96
N GLY A 260 -22.27 -21.47 -6.85
CA GLY A 260 -22.88 -20.58 -7.83
C GLY A 260 -23.60 -19.38 -7.24
N LEU A 261 -24.65 -18.92 -7.93
CA LEU A 261 -25.47 -17.78 -7.53
C LEU A 261 -26.85 -17.88 -8.18
N ARG A 262 -27.89 -17.37 -7.50
CA ARG A 262 -29.25 -17.41 -8.03
C ARG A 262 -30.08 -16.23 -7.54
N LEU A 263 -30.93 -15.70 -8.43
CA LEU A 263 -31.85 -14.62 -8.10
C LEU A 263 -33.23 -15.21 -7.79
N LYS A 264 -33.60 -16.31 -8.49
CA LYS A 264 -34.86 -17.03 -8.30
C LYS A 264 -34.62 -18.32 -7.50
N ILE A 265 -35.67 -18.82 -6.82
CA ILE A 265 -35.60 -20.05 -6.01
C ILE A 265 -35.44 -21.28 -6.92
N TYR A 266 -34.49 -22.17 -6.57
CA TYR A 266 -34.24 -23.40 -7.33
C TYR A 266 -34.06 -24.59 -6.39
N LYS A 267 -34.41 -25.80 -6.84
CA LYS A 267 -34.23 -27.01 -6.04
C LYS A 267 -32.79 -27.50 -6.17
N ASP A 268 -32.17 -27.95 -5.05
CA ASP A 268 -30.80 -28.44 -5.07
C ASP A 268 -30.75 -29.92 -5.55
N THR A 269 -29.52 -30.47 -5.72
CA THR A 269 -29.30 -31.84 -6.18
C THR A 269 -29.80 -32.89 -5.14
N GLU A 270 -29.95 -32.48 -3.86
CA GLU A 270 -30.42 -33.37 -2.80
C GLU A 270 -31.95 -33.55 -2.87
N GLY A 271 -32.69 -32.43 -2.92
CA GLY A 271 -34.15 -32.43 -3.00
C GLY A 271 -34.80 -31.42 -2.07
N TYR A 272 -34.28 -30.17 -2.06
CA TYR A 272 -34.80 -29.08 -1.24
C TYR A 272 -34.59 -27.74 -1.94
N TYR A 273 -35.49 -26.76 -1.69
CA TYR A 273 -35.42 -25.45 -2.33
C TYR A 273 -34.25 -24.61 -1.77
N THR A 274 -33.55 -23.88 -2.67
CA THR A 274 -32.35 -23.10 -2.34
C THR A 274 -32.34 -21.77 -3.14
N ILE A 275 -31.57 -20.75 -2.67
CA ILE A 275 -31.43 -19.46 -3.36
C ILE A 275 -30.01 -18.88 -3.14
N GLY A 276 -29.59 -17.99 -4.04
CA GLY A 276 -28.28 -17.32 -3.99
C GLY A 276 -27.11 -18.28 -3.92
N ILE A 277 -26.26 -18.10 -2.89
CA ILE A 277 -25.11 -18.96 -2.69
C ILE A 277 -25.46 -20.04 -1.64
N GLY A 278 -26.04 -21.14 -2.12
CA GLY A 278 -26.40 -22.32 -1.33
C GLY A 278 -27.20 -22.08 -0.07
N HIS A 279 -27.96 -20.96 0.00
CA HIS A 279 -28.79 -20.67 1.16
C HIS A 279 -30.01 -21.56 1.16
N LEU A 280 -30.00 -22.62 1.99
CA LEU A 280 -31.12 -23.55 2.11
C LEU A 280 -32.29 -22.87 2.80
N LEU A 281 -33.36 -22.60 2.03
CA LEU A 281 -34.55 -21.90 2.52
C LEU A 281 -35.38 -22.81 3.43
N THR A 282 -35.62 -24.07 2.99
CA THR A 282 -36.37 -25.07 3.75
C THR A 282 -36.07 -26.46 3.22
N LYS A 283 -36.30 -27.49 4.07
CA LYS A 283 -36.16 -28.88 3.65
C LYS A 283 -37.47 -29.35 3.02
N SER A 284 -38.58 -28.64 3.33
CA SER A 284 -39.92 -28.91 2.81
C SER A 284 -39.96 -28.79 1.26
N PRO A 285 -40.69 -29.71 0.56
CA PRO A 285 -40.71 -29.64 -0.91
C PRO A 285 -41.81 -28.70 -1.44
N SER A 286 -42.16 -27.65 -0.66
CA SER A 286 -43.16 -26.67 -1.05
C SER A 286 -42.50 -25.39 -1.54
N LEU A 287 -42.85 -24.95 -2.78
CA LEU A 287 -42.30 -23.74 -3.39
C LEU A 287 -42.69 -22.49 -2.58
N ASN A 288 -43.95 -22.45 -2.08
CA ASN A 288 -44.45 -21.31 -1.29
C ASN A 288 -43.82 -21.27 0.10
N ALA A 289 -43.43 -22.45 0.66
CA ALA A 289 -42.76 -22.52 1.96
C ALA A 289 -41.38 -21.87 1.86
N ALA A 290 -40.71 -22.04 0.70
CA ALA A 290 -39.44 -21.40 0.40
C ALA A 290 -39.62 -19.90 0.27
N LYS A 291 -40.74 -19.47 -0.36
CA LYS A 291 -41.09 -18.06 -0.51
C LYS A 291 -41.38 -17.43 0.85
N SER A 292 -41.99 -18.21 1.78
CA SER A 292 -42.29 -17.77 3.14
C SER A 292 -41.02 -17.47 3.93
N GLU A 293 -40.08 -18.43 3.97
CA GLU A 293 -38.79 -18.30 4.69
C GLU A 293 -37.90 -17.23 4.04
N LEU A 294 -37.98 -17.08 2.70
CA LEU A 294 -37.19 -16.09 1.96
C LEU A 294 -37.63 -14.66 2.32
N ASP A 295 -38.96 -14.41 2.34
CA ASP A 295 -39.53 -13.10 2.66
C ASP A 295 -39.24 -12.71 4.12
N LYS A 296 -39.11 -13.71 5.02
CA LYS A 296 -38.78 -13.47 6.42
C LYS A 296 -37.30 -13.07 6.55
N ALA A 297 -36.43 -13.71 5.74
CA ALA A 297 -34.99 -13.45 5.75
C ALA A 297 -34.65 -12.07 5.18
N ILE A 298 -35.36 -11.63 4.12
CA ILE A 298 -35.13 -10.34 3.50
C ILE A 298 -35.95 -9.24 4.23
N GLY A 299 -37.26 -9.47 4.36
CA GLY A 299 -38.16 -8.52 5.02
C GLY A 299 -39.08 -7.79 4.07
N ARG A 300 -39.39 -8.43 2.91
CA ARG A 300 -40.26 -7.87 1.86
C ARG A 300 -40.79 -9.00 0.93
N ASN A 301 -41.85 -8.70 0.15
CA ASN A 301 -42.41 -9.66 -0.82
C ASN A 301 -41.49 -9.75 -2.03
N THR A 302 -40.98 -10.95 -2.32
CA THR A 302 -40.03 -11.16 -3.41
C THR A 302 -40.65 -11.96 -4.56
N ASN A 303 -41.61 -12.86 -4.22
CA ASN A 303 -42.30 -13.77 -5.16
C ASN A 303 -41.32 -14.87 -5.69
N GLY A 304 -40.05 -14.76 -5.30
CA GLY A 304 -39.02 -15.72 -5.68
C GLY A 304 -37.72 -15.07 -6.13
N VAL A 305 -37.79 -13.83 -6.66
CA VAL A 305 -36.62 -13.11 -7.17
C VAL A 305 -36.05 -12.16 -6.10
N ILE A 306 -34.71 -12.20 -5.88
CA ILE A 306 -34.03 -11.32 -4.92
C ILE A 306 -32.89 -10.54 -5.64
N THR A 307 -32.52 -9.35 -5.10
CA THR A 307 -31.46 -8.50 -5.66
C THR A 307 -30.07 -9.16 -5.41
N LYS A 308 -29.05 -8.78 -6.22
CA LYS A 308 -27.67 -9.27 -6.08
C LYS A 308 -27.14 -8.94 -4.69
N ASP A 309 -27.40 -7.69 -4.20
CA ASP A 309 -27.01 -7.25 -2.86
C ASP A 309 -27.76 -8.02 -1.78
N GLU A 310 -29.07 -8.28 -1.98
CA GLU A 310 -29.91 -9.04 -1.05
C GLU A 310 -29.41 -10.48 -0.92
N ALA A 311 -28.80 -11.03 -2.01
CA ALA A 311 -28.21 -12.37 -2.01
C ALA A 311 -26.93 -12.37 -1.20
N GLU A 312 -26.12 -11.30 -1.34
CA GLU A 312 -24.84 -11.12 -0.66
C GLU A 312 -25.06 -10.91 0.84
N LYS A 313 -26.08 -10.11 1.22
CA LYS A 313 -26.41 -9.85 2.62
C LYS A 313 -26.94 -11.12 3.28
N LEU A 314 -27.59 -11.99 2.49
CA LEU A 314 -28.06 -13.28 2.97
C LEU A 314 -26.89 -14.26 3.02
N PHE A 315 -25.88 -14.07 2.14
CA PHE A 315 -24.69 -14.90 2.05
C PHE A 315 -23.79 -14.72 3.28
N ASN A 316 -23.64 -13.47 3.76
CA ASN A 316 -22.82 -13.16 4.94
C ASN A 316 -23.38 -13.86 6.16
N GLN A 317 -24.73 -13.95 6.26
CA GLN A 317 -25.44 -14.65 7.34
C GLN A 317 -25.07 -16.14 7.35
N ASP A 318 -24.93 -16.75 6.15
CA ASP A 318 -24.55 -18.15 6.03
C ASP A 318 -23.06 -18.34 6.35
N VAL A 319 -22.22 -17.33 6.00
CA VAL A 319 -20.78 -17.38 6.30
C VAL A 319 -20.58 -17.22 7.80
N ASP A 320 -21.15 -16.14 8.39
CA ASP A 320 -21.03 -15.86 9.83
C ASP A 320 -21.42 -17.07 10.66
N ALA A 321 -22.56 -17.72 10.31
CA ALA A 321 -23.03 -18.93 11.00
C ALA A 321 -22.03 -20.08 10.88
N ALA A 322 -21.43 -20.25 9.67
CA ALA A 322 -20.42 -21.30 9.42
C ALA A 322 -19.12 -20.98 10.14
N VAL A 323 -18.80 -19.68 10.30
CA VAL A 323 -17.62 -19.20 11.02
C VAL A 323 -17.81 -19.48 12.52
N ARG A 324 -19.02 -19.18 13.05
CA ARG A 324 -19.38 -19.45 14.46
C ARG A 324 -19.32 -20.95 14.75
N GLY A 325 -19.67 -21.76 13.75
CA GLY A 325 -19.62 -23.21 13.83
C GLY A 325 -18.22 -23.76 13.97
N ILE A 326 -17.22 -22.97 13.52
CA ILE A 326 -15.82 -23.35 13.62
C ILE A 326 -15.30 -22.99 15.02
N LEU A 327 -15.58 -21.75 15.48
CA LEU A 327 -15.13 -21.22 16.77
C LEU A 327 -15.88 -21.85 17.99
N ARG A 328 -16.64 -22.95 17.77
CA ARG A 328 -17.36 -23.63 18.84
C ARG A 328 -16.94 -25.13 18.92
N ASN A 329 -16.06 -25.58 18.00
CA ASN A 329 -15.59 -26.96 17.96
C ASN A 329 -14.12 -27.05 18.44
N ALA A 330 -13.80 -28.11 19.23
CA ALA A 330 -12.46 -28.32 19.81
C ALA A 330 -11.43 -28.85 18.78
N LYS A 331 -11.88 -29.16 17.55
CA LYS A 331 -11.00 -29.66 16.49
C LYS A 331 -10.95 -28.71 15.30
N LEU A 332 -11.94 -27.79 15.18
CA LEU A 332 -12.01 -26.85 14.06
C LEU A 332 -11.35 -25.52 14.41
N LYS A 333 -11.64 -24.98 15.64
CA LYS A 333 -11.10 -23.69 16.09
C LYS A 333 -9.54 -23.70 16.16
N PRO A 334 -8.87 -24.77 16.71
CA PRO A 334 -7.40 -24.76 16.74
C PRO A 334 -6.79 -24.72 15.33
N VAL A 335 -7.39 -25.47 14.37
CA VAL A 335 -6.95 -25.51 12.98
C VAL A 335 -7.08 -24.11 12.34
N TYR A 336 -8.28 -23.46 12.49
CA TYR A 336 -8.56 -22.12 11.96
C TYR A 336 -7.55 -21.08 12.49
N ASP A 337 -7.11 -21.24 13.75
CA ASP A 337 -6.14 -20.34 14.38
C ASP A 337 -4.73 -20.55 13.81
N SER A 338 -4.45 -21.77 13.32
CA SER A 338 -3.14 -22.12 12.75
C SER A 338 -3.08 -21.85 11.21
N LEU A 339 -4.23 -21.49 10.60
CA LEU A 339 -4.29 -21.24 9.15
C LEU A 339 -4.15 -19.75 8.82
N ASP A 340 -3.90 -19.44 7.54
CA ASP A 340 -3.84 -18.08 7.01
C ASP A 340 -5.20 -17.73 6.35
N ALA A 341 -5.43 -16.44 6.03
CA ALA A 341 -6.70 -15.94 5.44
C ALA A 341 -7.18 -16.79 4.24
N VAL A 342 -6.25 -17.24 3.37
CA VAL A 342 -6.58 -18.03 2.17
C VAL A 342 -7.03 -19.44 2.59
N ARG A 343 -6.26 -20.12 3.48
CA ARG A 343 -6.59 -21.47 3.92
C ARG A 343 -7.71 -21.47 4.97
N ARG A 344 -7.95 -20.32 5.66
CA ARG A 344 -9.06 -20.20 6.62
C ARG A 344 -10.38 -20.27 5.89
N ALA A 345 -10.48 -19.53 4.75
CA ALA A 345 -11.66 -19.52 3.88
C ALA A 345 -11.87 -20.89 3.23
N ALA A 346 -10.78 -21.64 2.99
CA ALA A 346 -10.83 -23.00 2.43
C ALA A 346 -11.57 -23.92 3.38
N LEU A 347 -11.32 -23.79 4.70
CA LEU A 347 -12.02 -24.54 5.74
C LEU A 347 -13.48 -24.07 5.86
N ILE A 348 -13.72 -22.73 5.70
CA ILE A 348 -15.06 -22.15 5.74
C ILE A 348 -15.91 -22.73 4.59
N ASN A 349 -15.31 -22.87 3.38
CA ASN A 349 -15.97 -23.44 2.20
C ASN A 349 -16.45 -24.87 2.48
N MET A 350 -15.63 -25.67 3.19
CA MET A 350 -15.96 -27.04 3.57
C MET A 350 -17.18 -27.06 4.50
N VAL A 351 -17.19 -26.17 5.53
CA VAL A 351 -18.29 -26.05 6.50
C VAL A 351 -19.58 -25.57 5.79
N PHE A 352 -19.42 -24.62 4.83
CA PHE A 352 -20.53 -24.02 4.06
C PHE A 352 -21.37 -25.10 3.32
N GLN A 353 -20.74 -26.23 2.91
CA GLN A 353 -21.43 -27.28 2.16
C GLN A 353 -22.04 -28.35 3.09
N MET A 354 -21.20 -29.02 3.92
CA MET A 354 -21.67 -30.09 4.81
C MET A 354 -22.15 -29.53 6.18
N GLY A 355 -21.23 -28.97 6.97
CA GLY A 355 -21.55 -28.41 8.28
C GLY A 355 -20.45 -28.55 9.31
N GLU A 356 -20.81 -28.43 10.61
CA GLU A 356 -19.85 -28.51 11.73
C GLU A 356 -19.35 -29.95 11.93
N THR A 357 -20.30 -30.91 12.12
CA THR A 357 -19.99 -32.32 12.36
C THR A 357 -19.45 -32.98 11.06
N GLY A 358 -19.80 -32.40 9.91
CA GLY A 358 -19.35 -32.87 8.61
C GLY A 358 -17.84 -32.75 8.43
N VAL A 359 -17.29 -31.56 8.74
CA VAL A 359 -15.85 -31.30 8.64
C VAL A 359 -15.13 -31.93 9.86
N ALA A 360 -15.82 -31.99 11.02
CA ALA A 360 -15.28 -32.62 12.23
C ALA A 360 -15.14 -34.16 12.03
N GLY A 361 -15.82 -34.68 11.01
CA GLY A 361 -15.77 -36.09 10.64
C GLY A 361 -14.59 -36.46 9.75
N PHE A 362 -13.56 -35.59 9.72
CA PHE A 362 -12.32 -35.82 8.97
C PHE A 362 -11.12 -35.46 9.85
N THR A 363 -11.07 -36.06 11.07
CA THR A 363 -10.03 -35.82 12.08
C THR A 363 -8.63 -36.11 11.51
N ASN A 364 -8.51 -37.17 10.68
CA ASN A 364 -7.27 -37.57 10.03
C ASN A 364 -6.72 -36.42 9.15
N SER A 365 -7.61 -35.69 8.44
CA SER A 365 -7.21 -34.57 7.59
C SER A 365 -6.84 -33.34 8.43
N LEU A 366 -7.73 -32.94 9.38
CA LEU A 366 -7.54 -31.76 10.25
C LEU A 366 -6.23 -31.84 11.04
N ARG A 367 -5.86 -33.03 11.55
CA ARG A 367 -4.63 -33.24 12.31
C ARG A 367 -3.40 -32.94 11.43
N MET A 368 -3.45 -33.38 10.15
CA MET A 368 -2.38 -33.17 9.18
C MET A 368 -2.34 -31.69 8.74
N LEU A 369 -3.49 -30.97 8.83
CA LEU A 369 -3.58 -29.54 8.50
C LEU A 369 -2.98 -28.69 9.62
N GLN A 370 -3.23 -29.08 10.89
CA GLN A 370 -2.71 -28.36 12.07
C GLN A 370 -1.20 -28.60 12.22
N GLN A 371 -0.69 -29.71 11.64
CA GLN A 371 0.74 -30.06 11.65
C GLN A 371 1.49 -29.38 10.48
N LYS A 372 0.76 -28.53 9.68
CA LYS A 372 1.26 -27.75 8.53
C LYS A 372 1.71 -28.69 7.37
N ARG A 373 1.18 -29.93 7.32
CA ARG A 373 1.49 -30.88 6.26
C ARG A 373 0.31 -30.94 5.28
N TRP A 374 0.28 -30.00 4.31
CA TRP A 374 -0.82 -29.81 3.36
C TRP A 374 -0.96 -30.98 2.38
N ASP A 375 0.18 -31.52 1.90
CA ASP A 375 0.20 -32.62 0.90
C ASP A 375 -0.41 -33.91 1.48
N GLU A 376 -0.25 -34.13 2.80
CA GLU A 376 -0.77 -35.32 3.49
C GLU A 376 -2.29 -35.25 3.61
N ALA A 377 -2.83 -34.07 3.95
CA ALA A 377 -4.28 -33.85 4.10
C ALA A 377 -4.98 -33.85 2.74
N ALA A 378 -4.23 -33.52 1.67
CA ALA A 378 -4.75 -33.47 0.30
C ALA A 378 -5.12 -34.87 -0.23
N VAL A 379 -4.40 -35.91 0.21
CA VAL A 379 -4.63 -37.29 -0.21
C VAL A 379 -5.84 -37.88 0.54
N ASN A 380 -5.92 -37.63 1.87
CA ASN A 380 -7.02 -38.12 2.73
C ASN A 380 -8.39 -37.65 2.22
N LEU A 381 -8.49 -36.37 1.82
CA LEU A 381 -9.73 -35.79 1.33
C LEU A 381 -10.04 -36.23 -0.10
N ALA A 382 -9.00 -36.60 -0.89
CA ALA A 382 -9.16 -37.02 -2.29
C ALA A 382 -9.83 -38.40 -2.38
N LYS A 383 -9.67 -39.24 -1.34
CA LYS A 383 -10.24 -40.59 -1.32
C LYS A 383 -11.61 -40.62 -0.61
N SER A 384 -11.92 -39.58 0.20
CA SER A 384 -13.17 -39.48 0.97
C SER A 384 -14.42 -39.33 0.06
N ARG A 385 -15.63 -39.47 0.66
CA ARG A 385 -16.92 -39.36 -0.04
C ARG A 385 -17.12 -37.97 -0.65
N TRP A 386 -16.61 -36.92 0.06
CA TRP A 386 -16.69 -35.52 -0.37
C TRP A 386 -16.04 -35.30 -1.76
N TYR A 387 -14.92 -36.00 -2.04
CA TYR A 387 -14.25 -35.91 -3.34
C TYR A 387 -14.93 -36.80 -4.38
N ASN A 388 -15.66 -37.85 -3.92
CA ASN A 388 -16.36 -38.77 -4.82
C ASN A 388 -17.73 -38.19 -5.24
N GLN A 389 -18.35 -37.36 -4.38
CA GLN A 389 -19.64 -36.74 -4.68
C GLN A 389 -19.46 -35.55 -5.65
N THR A 390 -18.72 -34.51 -5.23
CA THR A 390 -18.43 -33.34 -6.08
C THR A 390 -16.90 -33.27 -6.34
N PRO A 391 -16.41 -33.92 -7.41
CA PRO A 391 -14.96 -33.97 -7.64
C PRO A 391 -14.36 -32.62 -8.09
N ASN A 392 -15.07 -31.88 -8.97
CA ASN A 392 -14.59 -30.61 -9.50
C ASN A 392 -14.62 -29.52 -8.42
N ARG A 393 -15.55 -29.58 -7.48
CA ARG A 393 -15.58 -28.58 -6.43
C ARG A 393 -14.52 -28.85 -5.35
N ALA A 394 -14.46 -30.09 -4.84
CA ALA A 394 -13.48 -30.45 -3.80
C ALA A 394 -12.04 -30.24 -4.27
N LYS A 395 -11.78 -30.45 -5.59
CA LYS A 395 -10.45 -30.28 -6.17
C LYS A 395 -9.90 -28.88 -5.90
N ARG A 396 -10.73 -27.84 -6.15
CA ARG A 396 -10.37 -26.44 -5.94
C ARG A 396 -10.10 -26.15 -4.45
N VAL A 397 -10.96 -26.69 -3.55
CA VAL A 397 -10.85 -26.50 -2.10
C VAL A 397 -9.55 -27.15 -1.59
N ILE A 398 -9.26 -28.40 -2.04
CA ILE A 398 -8.04 -29.13 -1.67
C ILE A 398 -6.79 -28.38 -2.20
N THR A 399 -6.86 -27.88 -3.47
CA THR A 399 -5.76 -27.11 -4.09
C THR A 399 -5.46 -25.85 -3.25
N THR A 400 -6.51 -25.22 -2.68
CA THR A 400 -6.38 -24.04 -1.82
C THR A 400 -5.58 -24.41 -0.54
N PHE A 401 -5.85 -25.60 0.03
CA PHE A 401 -5.15 -26.07 1.23
C PHE A 401 -3.70 -26.41 0.90
N ARG A 402 -3.44 -26.98 -0.29
CA ARG A 402 -2.11 -27.36 -0.73
C ARG A 402 -1.26 -26.14 -1.11
N THR A 403 -1.69 -25.38 -2.13
CA THR A 403 -0.95 -24.24 -2.67
C THR A 403 -0.94 -23.04 -1.70
N GLY A 404 -2.07 -22.78 -1.04
CA GLY A 404 -2.22 -21.65 -0.14
C GLY A 404 -2.39 -20.35 -0.88
N THR A 405 -3.07 -20.42 -2.06
CA THR A 405 -3.31 -19.26 -2.92
C THR A 405 -4.63 -19.45 -3.70
N TRP A 406 -5.17 -18.35 -4.26
CA TRP A 406 -6.42 -18.35 -5.02
C TRP A 406 -6.20 -18.69 -6.51
N ASP A 407 -5.13 -19.47 -6.82
CA ASP A 407 -4.81 -19.85 -8.21
C ASP A 407 -5.84 -20.84 -8.77
N ALA A 408 -6.55 -21.57 -7.89
CA ALA A 408 -7.57 -22.53 -8.28
C ALA A 408 -8.91 -21.84 -8.59
N TYR A 409 -9.02 -20.53 -8.32
CA TYR A 409 -10.24 -19.75 -8.56
C TYR A 409 -9.96 -18.55 -9.47
N ALA A 410 -9.11 -17.60 -9.01
CA ALA A 410 -8.75 -16.40 -9.77
C ALA A 410 -7.44 -16.62 -10.55
N SER A 411 -7.41 -16.20 -11.83
CA SER A 411 -6.24 -16.38 -12.70
C SER A 411 -5.16 -15.31 -12.43
N ARG A 412 -5.54 -14.01 -12.54
CA ARG A 412 -4.61 -12.89 -12.35
C ARG A 412 -4.97 -12.06 -11.10
N SER A 413 -6.19 -12.26 -10.54
CA SER A 413 -6.64 -11.54 -9.35
C SER A 413 -6.02 -12.16 -8.07
N SER A 414 -5.35 -13.32 -8.22
CA SER A 414 -4.65 -14.00 -7.14
C SER A 414 -3.21 -13.50 -7.01
N GLU A 415 -2.59 -13.12 -8.15
CA GLU A 415 -1.22 -12.58 -8.22
C GLU A 415 -1.14 -11.19 -7.59
N ASN A 416 -2.28 -10.46 -7.59
CA ASN A 416 -2.40 -9.10 -7.04
C ASN A 416 -2.24 -9.08 -5.51
N VAL A 417 -2.40 -10.26 -4.85
CA VAL A 417 -2.24 -10.39 -3.40
C VAL A 417 -0.78 -10.06 -3.01
N ALA A 418 0.19 -10.63 -3.75
CA ALA A 418 1.62 -10.38 -3.52
C ALA A 418 2.00 -8.98 -4.01
N LEU A 419 1.34 -8.50 -5.09
CA LEU A 419 1.57 -7.18 -5.69
C LEU A 419 1.01 -6.05 -4.82
N LEU A 420 0.05 -6.37 -3.93
CA LEU A 420 -0.54 -5.37 -3.03
C LEU A 420 0.19 -5.37 -1.69
N LYS A 421 0.52 -6.58 -1.18
CA LYS A 421 1.23 -6.74 0.10
C LYS A 421 2.58 -6.01 0.08
N THR A 422 3.29 -6.06 -1.07
CA THR A 422 4.59 -5.41 -1.24
C THR A 422 4.46 -3.86 -1.16
N VAL A 423 3.39 -3.29 -1.77
CA VAL A 423 3.15 -1.85 -1.81
C VAL A 423 2.84 -1.30 -0.39
N ILE A 424 2.16 -2.10 0.46
CA ILE A 424 1.86 -1.73 1.85
C ILE A 424 3.19 -1.57 2.62
N ILE A 425 4.19 -2.43 2.33
CA ILE A 425 5.51 -2.36 2.97
C ILE A 425 6.28 -1.13 2.46
N VAL A 426 6.05 -0.72 1.17
CA VAL A 426 6.68 0.49 0.60
C VAL A 426 6.26 1.71 1.43
N LEU A 427 4.94 1.85 1.68
CA LEU A 427 4.37 2.94 2.47
C LEU A 427 4.86 2.88 3.93
N SER A 428 4.93 1.66 4.51
CA SER A 428 5.38 1.43 5.88
C SER A 428 6.85 1.88 6.06
N VAL A 429 7.68 1.75 5.01
CA VAL A 429 9.07 2.19 5.04
C VAL A 429 9.11 3.72 4.90
N PHE A 430 8.26 4.27 4.01
CA PHE A 430 8.17 5.71 3.76
C PHE A 430 7.79 6.47 5.03
N ILE A 431 6.77 5.99 5.77
CA ILE A 431 6.32 6.64 7.01
C ILE A 431 7.36 6.46 8.13
N ALA A 432 8.24 5.45 8.01
CA ALA A 432 9.29 5.21 9.01
C ALA A 432 10.50 6.11 8.78
N CYS A 433 10.70 6.58 7.54
CA CYS A 433 11.86 7.39 7.16
C CYS A 433 11.57 8.89 7.28
N TRP A 434 10.35 9.33 6.91
CA TRP A 434 10.00 10.75 6.89
C TRP A 434 9.43 11.25 8.24
N ALA A 435 8.66 10.40 8.97
CA ALA A 435 8.06 10.76 10.28
C ALA A 435 9.09 11.42 11.26
N PRO A 436 10.36 10.94 11.41
CA PRO A 436 11.30 11.61 12.32
C PRO A 436 11.53 13.08 11.92
N LEU A 437 11.67 13.35 10.59
CA LEU A 437 11.84 14.72 10.10
C LEU A 437 10.57 15.52 10.33
N PHE A 438 9.40 14.93 10.03
CA PHE A 438 8.08 15.53 10.22
C PHE A 438 7.87 15.96 11.67
N ILE A 439 8.25 15.08 12.62
CA ILE A 439 8.16 15.38 14.06
C ILE A 439 9.10 16.54 14.37
N LEU A 440 10.36 16.46 13.88
CA LEU A 440 11.39 17.50 14.07
C LEU A 440 10.93 18.85 13.51
N LEU A 441 10.32 18.84 12.30
CA LEU A 441 9.80 20.05 11.68
C LEU A 441 8.67 20.64 12.51
N LEU A 442 7.77 19.77 13.03
CA LEU A 442 6.66 20.18 13.88
C LEU A 442 7.18 20.82 15.16
N LEU A 443 8.31 20.29 15.68
CA LEU A 443 8.96 20.83 16.86
C LEU A 443 9.55 22.21 16.57
N ASP A 444 10.06 22.43 15.33
CA ASP A 444 10.65 23.71 14.92
C ASP A 444 9.59 24.80 14.84
N VAL A 445 8.34 24.43 14.48
CA VAL A 445 7.23 25.37 14.41
C VAL A 445 6.87 25.85 15.85
N GLY A 446 6.92 24.93 16.81
CA GLY A 446 6.62 25.23 18.21
C GLY A 446 7.84 25.32 19.11
N CYS A 447 8.85 26.12 18.71
CA CYS A 447 10.08 26.30 19.48
C CYS A 447 10.71 27.66 19.16
N LYS A 448 11.16 28.40 20.21
CA LYS A 448 11.84 29.68 20.05
C LYS A 448 13.21 29.49 19.39
N VAL A 449 13.75 30.54 18.74
CA VAL A 449 15.01 30.46 18.02
C VAL A 449 16.20 30.26 19.01
N LYS A 450 17.20 29.42 18.62
CA LYS A 450 18.41 29.08 19.40
C LYS A 450 18.04 28.53 20.79
N THR A 451 16.97 27.72 20.88
CA THR A 451 16.49 27.15 22.15
C THR A 451 16.59 25.61 22.11
N CYS A 452 15.94 24.99 21.09
CA CYS A 452 15.92 23.52 20.95
C CYS A 452 17.22 23.03 20.33
N ASP A 453 17.97 22.19 21.08
CA ASP A 453 19.28 21.67 20.65
C ASP A 453 19.13 20.59 19.57
N ILE A 454 18.02 19.81 19.62
CA ILE A 454 17.75 18.72 18.66
C ILE A 454 17.67 19.27 17.22
N LEU A 455 17.13 20.51 17.07
CA LEU A 455 16.95 21.17 15.77
C LEU A 455 18.27 21.53 15.09
N PHE A 456 19.37 21.73 15.86
CA PHE A 456 20.67 22.05 15.28
C PHE A 456 21.29 20.82 14.64
N ARG A 457 21.70 19.83 15.46
CA ARG A 457 22.25 18.58 14.95
C ARG A 457 21.09 17.69 14.47
N ALA A 458 20.38 18.17 13.44
CA ALA A 458 19.22 17.50 12.86
C ALA A 458 19.50 17.04 11.43
N GLU A 459 20.80 16.88 11.10
CA GLU A 459 21.27 16.45 9.78
C GLU A 459 20.99 14.96 9.55
N TYR A 460 20.71 14.21 10.64
CA TYR A 460 20.44 12.77 10.56
C TYR A 460 19.04 12.50 10.00
N PHE A 461 18.05 13.31 10.42
CA PHE A 461 16.66 13.19 9.98
C PHE A 461 16.55 13.47 8.47
N LEU A 462 17.31 14.47 7.99
CA LEU A 462 17.36 14.87 6.59
C LEU A 462 17.97 13.78 5.71
N VAL A 463 18.95 13.02 6.25
CA VAL A 463 19.63 11.94 5.55
C VAL A 463 18.74 10.68 5.48
N LEU A 464 18.06 10.33 6.59
CA LEU A 464 17.15 9.16 6.63
C LEU A 464 16.02 9.31 5.59
N ALA A 465 15.52 10.55 5.40
CA ALA A 465 14.48 10.86 4.43
C ALA A 465 15.01 10.78 3.00
N VAL A 466 16.33 11.04 2.82
CA VAL A 466 16.98 10.97 1.51
C VAL A 466 17.18 9.51 1.11
N LEU A 467 17.67 8.67 2.06
CA LEU A 467 17.95 7.23 1.85
C LEU A 467 16.72 6.47 1.32
N ASN A 468 15.51 6.84 1.79
CA ASN A 468 14.23 6.22 1.40
C ASN A 468 14.04 6.20 -0.14
N SER A 469 14.74 7.10 -0.86
CA SER A 469 14.67 7.19 -2.32
C SER A 469 15.30 5.96 -3.00
N GLY A 470 16.12 5.21 -2.25
CA GLY A 470 16.75 3.99 -2.74
C GLY A 470 16.36 2.74 -1.98
N THR A 471 15.18 2.76 -1.32
CA THR A 471 14.68 1.61 -0.56
C THR A 471 13.53 0.94 -1.31
N ASN A 472 12.80 1.74 -2.13
CA ASN A 472 11.69 1.24 -2.96
C ASN A 472 12.22 0.28 -4.05
N PRO A 473 13.28 0.64 -4.84
CA PRO A 473 13.80 -0.32 -5.84
C PRO A 473 14.31 -1.62 -5.19
N ILE A 474 14.82 -1.53 -3.95
CA ILE A 474 15.32 -2.69 -3.19
C ILE A 474 14.12 -3.54 -2.67
N ILE A 475 13.02 -2.88 -2.23
CA ILE A 475 11.86 -3.57 -1.66
C ILE A 475 11.08 -4.34 -2.75
N TYR A 476 11.16 -3.90 -4.04
CA TYR A 476 10.44 -4.58 -5.14
C TYR A 476 11.04 -5.97 -5.41
N THR A 477 12.38 -6.09 -5.51
CA THR A 477 13.06 -7.35 -5.82
C THR A 477 13.09 -8.31 -4.61
N LEU A 478 12.82 -7.80 -3.39
CA LEU A 478 12.86 -8.64 -2.19
C LEU A 478 11.46 -9.17 -1.79
N THR A 479 10.42 -8.33 -1.91
CA THR A 479 9.07 -8.72 -1.47
C THR A 479 8.11 -8.97 -2.65
N ASN A 480 8.66 -9.12 -3.89
CA ASN A 480 7.85 -9.42 -5.07
C ASN A 480 8.67 -10.21 -6.10
N LYS A 481 8.40 -11.52 -6.21
CA LYS A 481 9.13 -12.42 -7.12
C LYS A 481 8.73 -12.17 -8.58
N GLU A 482 7.46 -11.75 -8.83
CA GLU A 482 6.97 -11.44 -10.19
C GLU A 482 7.71 -10.23 -10.77
N MET A 483 8.04 -9.24 -9.91
CA MET A 483 8.81 -8.06 -10.29
C MET A 483 10.30 -8.42 -10.43
N ARG A 484 10.82 -9.23 -9.48
CA ARG A 484 12.23 -9.67 -9.46
C ARG A 484 12.57 -10.51 -10.70
N ARG A 485 11.60 -11.31 -11.19
CA ARG A 485 11.75 -12.15 -12.38
C ARG A 485 11.95 -11.28 -13.62
N ALA A 486 11.20 -10.16 -13.71
CA ALA A 486 11.28 -9.21 -14.82
C ALA A 486 12.59 -8.40 -14.77
N PHE A 487 13.07 -8.10 -13.55
CA PHE A 487 14.30 -7.31 -13.34
C PHE A 487 15.54 -8.02 -13.91
N ILE A 488 15.70 -9.33 -13.61
CA ILE A 488 16.83 -10.14 -14.11
C ILE A 488 16.63 -10.42 -15.63
N ARG A 489 15.38 -10.39 -16.05
CA ARG A 489 15.04 -10.64 -17.42
C ARG A 489 15.48 -9.47 -18.20
N ILE A 490 16.21 -8.57 -17.56
CA ILE A 490 16.64 -7.42 -18.30
C ILE A 490 18.10 -7.16 -18.52
N MET A 491 18.91 -8.19 -18.68
CA MET A 491 20.33 -8.00 -18.90
C MET A 491 20.84 -7.80 -20.33
N GLY A 492 20.56 -6.64 -20.93
CA GLY A 492 21.00 -6.32 -22.27
C GLY A 492 21.68 -4.97 -22.11
N ARG A 493 22.93 -4.81 -22.50
CA ARG A 493 23.55 -3.50 -22.31
C ARG A 493 22.98 -2.35 -23.13
N PRO A 494 22.85 -2.54 -24.43
CA PRO A 494 22.30 -1.48 -25.26
C PRO A 494 20.84 -1.26 -25.00
N LEU A 495 20.10 -2.34 -24.80
CA LEU A 495 18.68 -2.22 -24.55
C LEU A 495 18.32 -0.98 -23.76
O4 ML5 B . 22.41 24.20 5.41
P1 ML5 B . 21.00 23.64 5.46
O2 ML5 B . 20.18 24.15 6.62
O3 ML5 B . 20.29 23.67 4.12
C16 ML5 B . 21.22 21.86 5.79
C15 ML5 B . 19.90 21.13 5.59
C14 ML5 B . 19.48 21.01 4.11
N2 ML5 B . 20.65 21.09 3.19
C13 ML5 B . 18.72 19.74 3.91
O1 ML5 B . 19.29 18.66 4.03
N1 ML5 B . 17.41 19.88 3.63
C5 ML5 B . 16.58 18.91 3.15
C4 ML5 B . 17.00 17.58 2.94
C3 ML5 B . 16.10 16.63 2.46
C2 ML5 B . 14.78 16.98 2.18
C6 ML5 B . 15.25 19.24 2.87
C1 ML5 B . 14.35 18.28 2.40
C7 ML5 B . 12.92 18.70 2.07
C8 ML5 B . 11.93 17.98 2.98
C9 ML5 B . 10.59 18.71 2.97
C10 ML5 B . 10.12 19.01 4.38
C11 ML5 B . 8.83 18.27 4.70
C12 ML5 B . 7.68 19.23 4.90
C1 NAG C . 25.08 38.72 13.13
C2 NAG C . 24.75 38.88 14.67
C3 NAG C . 25.83 39.80 15.31
C4 NAG C . 27.29 39.44 14.90
C5 NAG C . 27.38 39.29 13.34
C6 NAG C . 28.77 38.85 12.81
C7 NAG C . 22.48 38.90 15.85
C8 NAG C . 21.16 39.65 15.89
N2 NAG C . 23.38 39.41 14.93
O3 NAG C . 25.68 39.78 16.74
O4 NAG C . 28.16 40.49 15.35
O5 NAG C . 26.44 38.32 12.91
O6 NAG C . 28.73 38.52 11.41
O7 NAG C . 22.70 37.92 16.56
#